data_9JDW
#
_entry.id   9JDW
#
_cell.length_a   83.810
_cell.length_b   83.810
_cell.length_c   199.710
_cell.angle_alpha   90.00
_cell.angle_beta   90.00
_cell.angle_gamma   90.00
#
_symmetry.space_group_name_H-M   'P 43 21 2'
#
loop_
_entity.id
_entity.type
_entity.pdbx_description
1 polymer 'PROTEIN (L-ARGININE:GLYCINE AMIDINOTRANSFERASE)'
2 non-polymer 'ALPHA-AMINOBUTYRIC ACID'
3 water water
#
_entity_poly.entity_id   1
_entity_poly.type   'polypeptide(L)'
_entity_poly.pdbx_seq_one_letter_code
;STQAATASSRNSCAADDKATEPLPKDCPVSSYNEWDPLEEVIVGRAENACVPPFTIEVKANTYEKYWPFYQKQGGHYFPK
DHLKKAVAEIEEMCNILKTEGVTVRRPDPIDWSLKYKTPDFESTGLYSAMPRDILIVVGNEIIEAPMAWRSRFFEYRAYR
SIIKDYFHRGAKWTTAPKPTMADELYNQDYPIHSVEDRHKLAAQGKFVTTEFEPCFDAADFIRAGRDIFAQRSQVTNYLG
IEWMRRHLAPDYRVHIISFKDPNPMHIDATFNIIGPGIVLSNPDRPCHQIDLFKKAGWTIITPPTPIIPDDHPLWMSSKW
LSMNVLMLDEKRVMVDANEVPIQKMFEKLGITTIKVNIRNANSLGGGFHCWTCDVRRRGTLQSYLD
;
_entity_poly.pdbx_strand_id   A
#
# COMPACT_ATOMS: atom_id res chain seq x y z
N CYS A 27 5.20 7.43 24.06
CA CYS A 27 4.06 7.15 23.14
C CYS A 27 4.54 7.50 21.74
N PRO A 28 5.50 6.76 21.23
CA PRO A 28 6.03 7.04 19.89
C PRO A 28 4.98 6.87 18.83
N VAL A 29 4.12 5.87 19.02
CA VAL A 29 3.09 5.55 18.07
C VAL A 29 1.80 6.25 18.37
N SER A 30 1.24 6.91 17.36
CA SER A 30 -0.02 7.61 17.49
C SER A 30 -0.41 8.23 16.16
N SER A 31 -1.35 7.62 15.45
CA SER A 31 -1.79 8.14 14.15
C SER A 31 -3.23 7.68 13.86
N TYR A 32 -4.14 8.62 13.63
CA TYR A 32 -5.55 8.28 13.35
C TYR A 32 -6.03 8.51 11.93
N ASN A 33 -5.20 9.11 11.08
CA ASN A 33 -5.61 9.40 9.72
C ASN A 33 -4.38 9.63 8.85
N GLU A 34 -4.62 10.06 7.61
CA GLU A 34 -3.55 10.28 6.63
C GLU A 34 -3.00 11.71 6.48
N TRP A 35 -3.54 12.68 7.22
CA TRP A 35 -3.16 14.07 7.06
C TRP A 35 -2.64 14.90 8.23
N ASP A 36 -2.89 14.50 9.47
CA ASP A 36 -2.40 15.30 10.60
C ASP A 36 -0.89 15.49 10.50
N PRO A 37 -0.38 16.54 11.15
CA PRO A 37 1.05 16.83 11.13
C PRO A 37 1.95 15.64 11.42
N LEU A 38 2.65 15.21 10.37
CA LEU A 38 3.54 14.06 10.45
C LEU A 38 4.76 14.33 11.31
N GLU A 39 5.09 13.38 12.19
CA GLU A 39 6.24 13.52 13.05
C GLU A 39 7.22 12.37 12.98
N GLU A 40 6.74 11.18 12.67
CA GLU A 40 7.63 10.03 12.56
C GLU A 40 7.11 9.13 11.48
N VAL A 41 8.00 8.55 10.70
CA VAL A 41 7.60 7.70 9.60
C VAL A 41 8.66 6.63 9.36
N ILE A 42 8.25 5.50 8.79
CA ILE A 42 9.16 4.41 8.45
C ILE A 42 9.16 4.49 6.93
N VAL A 43 10.34 4.48 6.32
CA VAL A 43 10.47 4.53 4.86
C VAL A 43 11.13 3.22 4.41
N GLY A 44 10.56 2.57 3.41
CA GLY A 44 11.10 1.30 2.95
C GLY A 44 12.52 1.26 2.38
N ARG A 45 12.92 0.09 1.88
CA ARG A 45 14.24 -0.15 1.31
C ARG A 45 14.12 -0.92 0.00
N ALA A 46 14.97 -0.56 -0.97
CA ALA A 46 14.99 -1.23 -2.26
C ALA A 46 16.06 -2.32 -2.30
N GLU A 47 16.92 -2.36 -1.29
CA GLU A 47 18.01 -3.34 -1.23
C GLU A 47 17.62 -4.83 -1.29
N ASN A 48 18.32 -5.57 -2.15
CA ASN A 48 18.15 -7.01 -2.36
C ASN A 48 16.78 -7.48 -2.79
N ALA A 49 15.98 -6.57 -3.30
CA ALA A 49 14.65 -6.90 -3.78
C ALA A 49 14.79 -8.01 -4.81
N CYS A 50 13.89 -9.00 -4.76
CA CYS A 50 13.89 -10.15 -5.66
C CYS A 50 12.58 -10.24 -6.41
N VAL A 51 12.66 -10.70 -7.65
CA VAL A 51 11.49 -10.89 -8.48
C VAL A 51 10.80 -12.10 -7.87
N PRO A 52 9.52 -11.97 -7.50
CA PRO A 52 8.82 -13.11 -6.90
C PRO A 52 8.59 -14.25 -7.89
N PRO A 53 8.56 -15.49 -7.40
CA PRO A 53 8.33 -16.61 -8.31
C PRO A 53 6.97 -16.37 -8.97
N PHE A 54 6.84 -16.78 -10.23
CA PHE A 54 5.62 -16.57 -10.99
C PHE A 54 4.51 -17.57 -10.65
N THR A 55 3.86 -17.34 -9.52
CA THR A 55 2.78 -18.22 -9.11
C THR A 55 1.48 -17.51 -9.43
N ILE A 56 0.37 -18.23 -9.30
CA ILE A 56 -0.95 -17.71 -9.62
C ILE A 56 -1.29 -16.32 -9.08
N GLU A 57 -0.99 -16.05 -7.80
CA GLU A 57 -1.32 -14.73 -7.23
C GLU A 57 -0.46 -13.60 -7.80
N VAL A 58 0.78 -13.92 -8.19
CA VAL A 58 1.68 -12.94 -8.77
C VAL A 58 1.16 -12.64 -10.19
N LYS A 59 0.86 -13.68 -10.96
CA LYS A 59 0.34 -13.52 -12.31
C LYS A 59 -0.94 -12.70 -12.36
N ALA A 60 -1.81 -12.89 -11.37
CA ALA A 60 -3.04 -12.15 -11.30
C ALA A 60 -2.79 -10.64 -11.22
N ASN A 61 -1.62 -10.25 -10.69
CA ASN A 61 -1.26 -8.84 -10.54
C ASN A 61 -0.38 -8.28 -11.67
N THR A 62 0.27 -9.16 -12.41
CA THR A 62 1.16 -8.74 -13.47
C THR A 62 0.54 -8.46 -14.82
N TYR A 63 0.93 -7.33 -15.42
CA TYR A 63 0.46 -6.95 -16.75
C TYR A 63 1.13 -7.87 -17.76
N GLU A 64 0.36 -8.29 -18.77
CA GLU A 64 0.85 -9.17 -19.84
C GLU A 64 2.28 -8.80 -20.26
N LYS A 65 2.50 -7.50 -20.42
CA LYS A 65 3.79 -6.95 -20.84
C LYS A 65 5.00 -7.45 -20.05
N TYR A 66 4.82 -7.79 -18.78
CA TYR A 66 5.95 -8.25 -17.98
C TYR A 66 6.02 -9.72 -17.67
N TRP A 67 5.10 -10.51 -18.19
CA TRP A 67 5.13 -11.94 -17.89
C TRP A 67 6.45 -12.62 -18.24
N PRO A 68 7.07 -12.26 -19.36
CA PRO A 68 8.35 -12.91 -19.72
C PRO A 68 9.44 -12.58 -18.72
N PHE A 69 9.39 -11.36 -18.19
CA PHE A 69 10.37 -10.88 -17.20
C PHE A 69 10.25 -11.74 -15.96
N TYR A 70 9.01 -11.91 -15.49
CA TYR A 70 8.75 -12.69 -14.30
C TYR A 70 9.09 -14.16 -14.51
N GLN A 71 8.82 -14.65 -15.71
CA GLN A 71 9.11 -16.03 -16.05
C GLN A 71 10.61 -16.33 -16.06
N LYS A 72 11.40 -15.36 -16.47
CA LYS A 72 12.85 -15.57 -16.52
C LYS A 72 13.61 -15.09 -15.30
N GLN A 73 13.13 -14.00 -14.71
CA GLN A 73 13.75 -13.39 -13.55
C GLN A 73 13.35 -13.88 -12.15
N GLY A 74 12.21 -14.56 -12.04
CA GLY A 74 11.74 -15.05 -10.75
C GLY A 74 12.84 -15.69 -9.93
N GLY A 75 12.95 -15.32 -8.66
CA GLY A 75 13.97 -15.90 -7.82
C GLY A 75 15.29 -15.15 -7.84
N HIS A 76 15.47 -14.27 -8.81
CA HIS A 76 16.69 -13.49 -8.92
C HIS A 76 16.36 -12.06 -8.51
N TYR A 77 17.40 -11.26 -8.29
CA TYR A 77 17.24 -9.86 -7.90
C TYR A 77 16.68 -9.01 -9.01
N PHE A 78 15.96 -7.96 -8.65
CA PHE A 78 15.46 -7.04 -9.65
C PHE A 78 16.78 -6.45 -10.20
N PRO A 79 16.78 -5.94 -11.45
CA PRO A 79 17.99 -5.36 -12.06
C PRO A 79 18.76 -4.46 -11.12
N LYS A 80 19.97 -4.87 -10.76
CA LYS A 80 20.77 -4.10 -9.82
C LYS A 80 21.09 -2.65 -10.19
N ASP A 81 21.31 -2.38 -11.47
CA ASP A 81 21.56 -1.01 -11.91
C ASP A 81 20.28 -0.20 -11.64
N HIS A 82 19.13 -0.86 -11.75
CA HIS A 82 17.88 -0.18 -11.49
C HIS A 82 17.67 0.02 -9.98
N LEU A 83 18.09 -0.95 -9.18
CA LEU A 83 17.93 -0.84 -7.73
C LEU A 83 18.79 0.28 -7.19
N LYS A 84 19.97 0.45 -7.77
CA LYS A 84 20.89 1.49 -7.34
C LYS A 84 20.27 2.88 -7.47
N LYS A 85 19.54 3.12 -8.56
CA LYS A 85 18.87 4.41 -8.79
C LYS A 85 17.76 4.63 -7.77
N ALA A 86 17.03 3.56 -7.45
CA ALA A 86 15.96 3.61 -6.46
C ALA A 86 16.54 3.91 -5.08
N VAL A 87 17.64 3.24 -4.71
CA VAL A 87 18.30 3.49 -3.41
C VAL A 87 18.60 4.98 -3.27
N ALA A 88 19.22 5.56 -4.31
CA ALA A 88 19.57 6.98 -4.29
C ALA A 88 18.35 7.88 -4.12
N GLU A 89 17.30 7.62 -4.92
CA GLU A 89 16.05 8.36 -4.86
C GLU A 89 15.42 8.32 -3.47
N ILE A 90 15.42 7.14 -2.86
CA ILE A 90 14.83 7.02 -1.53
C ILE A 90 15.70 7.69 -0.46
N GLU A 91 17.03 7.66 -0.64
CA GLU A 91 17.90 8.34 0.33
C GLU A 91 17.59 9.82 0.32
N GLU A 92 17.41 10.38 -0.86
CA GLU A 92 17.09 11.79 -1.02
C GLU A 92 15.75 12.10 -0.36
N MET A 93 14.75 11.26 -0.66
CA MET A 93 13.42 11.40 -0.07
C MET A 93 13.56 11.45 1.44
N CYS A 94 14.46 10.64 1.98
CA CYS A 94 14.66 10.65 3.42
C CYS A 94 15.29 11.94 3.90
N ASN A 95 16.18 12.52 3.10
CA ASN A 95 16.81 13.78 3.49
C ASN A 95 15.76 14.86 3.56
N ILE A 96 14.87 14.85 2.57
CA ILE A 96 13.79 15.84 2.55
C ILE A 96 12.87 15.71 3.75
N LEU A 97 12.52 14.47 4.10
CA LEU A 97 11.64 14.24 5.25
C LEU A 97 12.29 14.80 6.50
N LYS A 98 13.59 14.56 6.65
CA LYS A 98 14.30 15.08 7.82
C LYS A 98 14.31 16.60 7.80
N THR A 99 14.49 17.18 6.61
CA THR A 99 14.48 18.63 6.45
C THR A 99 13.12 19.16 6.87
N GLU A 100 12.06 18.44 6.51
CA GLU A 100 10.71 18.86 6.87
C GLU A 100 10.38 18.51 8.33
N GLY A 101 11.40 18.11 9.11
CA GLY A 101 11.19 17.80 10.51
C GLY A 101 10.59 16.45 10.89
N VAL A 102 10.58 15.51 9.95
CA VAL A 102 10.04 14.19 10.21
C VAL A 102 11.15 13.24 10.65
N THR A 103 10.89 12.43 11.69
CA THR A 103 11.86 11.44 12.16
C THR A 103 11.68 10.22 11.24
N VAL A 104 12.76 9.74 10.64
CA VAL A 104 12.69 8.61 9.73
C VAL A 104 13.36 7.35 10.25
N ARG A 105 12.66 6.22 10.17
CA ARG A 105 13.22 4.93 10.60
C ARG A 105 13.21 4.10 9.32
N ARG A 106 14.14 3.15 9.21
CA ARG A 106 14.23 2.29 8.03
C ARG A 106 14.26 0.82 8.46
N PRO A 107 13.66 -0.07 7.65
CA PRO A 107 13.70 -1.46 8.06
C PRO A 107 15.13 -1.98 7.96
N ASP A 108 15.39 -3.14 8.53
CA ASP A 108 16.71 -3.73 8.49
C ASP A 108 17.01 -4.28 7.12
N PRO A 109 18.29 -4.31 6.75
CA PRO A 109 18.73 -4.82 5.44
C PRO A 109 18.68 -6.34 5.50
N ILE A 110 18.03 -6.96 4.52
CA ILE A 110 17.89 -8.41 4.48
C ILE A 110 18.08 -8.89 3.06
N ASP A 111 18.60 -10.10 2.88
CA ASP A 111 18.73 -10.65 1.54
C ASP A 111 17.43 -11.41 1.28
N TRP A 112 16.59 -10.87 0.40
CA TRP A 112 15.32 -11.47 0.07
C TRP A 112 15.39 -12.68 -0.85
N SER A 113 16.59 -13.11 -1.22
CA SER A 113 16.71 -14.25 -2.14
C SER A 113 16.70 -15.59 -1.41
N LEU A 114 16.76 -15.57 -0.09
CA LEU A 114 16.74 -16.81 0.70
C LEU A 114 15.48 -17.60 0.46
N LYS A 115 15.64 -18.89 0.20
CA LYS A 115 14.50 -19.75 -0.05
C LYS A 115 14.10 -20.34 1.28
N TYR A 116 12.83 -20.18 1.64
CA TYR A 116 12.33 -20.71 2.89
C TYR A 116 11.28 -21.76 2.58
N LYS A 117 10.91 -22.53 3.59
CA LYS A 117 9.96 -23.61 3.40
C LYS A 117 9.09 -23.82 4.61
N THR A 118 7.78 -23.67 4.44
CA THR A 118 6.85 -23.92 5.53
C THR A 118 6.22 -25.28 5.21
N PRO A 119 5.42 -25.85 6.13
CA PRO A 119 4.83 -27.15 5.81
C PRO A 119 3.87 -27.07 4.60
N ASP A 120 3.47 -25.86 4.22
CA ASP A 120 2.54 -25.67 3.11
C ASP A 120 3.10 -25.27 1.75
N PHE A 121 4.28 -24.65 1.73
CA PHE A 121 4.86 -24.18 0.47
C PHE A 121 6.33 -23.79 0.64
N GLU A 122 7.00 -23.57 -0.47
CA GLU A 122 8.39 -23.19 -0.48
C GLU A 122 8.48 -21.93 -1.35
N SER A 123 9.35 -20.98 -1.00
CA SER A 123 9.45 -19.76 -1.79
C SER A 123 10.65 -18.90 -1.47
N THR A 124 10.90 -17.91 -2.33
CA THR A 124 11.95 -16.92 -2.11
C THR A 124 11.19 -15.63 -1.75
N GLY A 125 11.84 -14.65 -1.11
CA GLY A 125 11.15 -13.45 -0.70
C GLY A 125 11.01 -12.37 -1.76
N LEU A 126 10.47 -11.22 -1.37
CA LEU A 126 10.27 -10.10 -2.29
C LEU A 126 11.15 -8.91 -1.90
N TYR A 127 10.71 -8.10 -0.93
CA TYR A 127 11.48 -6.94 -0.48
C TYR A 127 10.82 -6.31 0.74
N SER A 128 11.36 -5.20 1.22
CA SER A 128 10.73 -4.48 2.34
C SER A 128 10.68 -3.02 1.89
N ALA A 129 10.31 -2.82 0.63
CA ALA A 129 10.21 -1.50 0.04
C ALA A 129 8.93 -0.77 0.43
N MET A 130 7.84 -1.51 0.56
CA MET A 130 6.55 -0.92 0.88
C MET A 130 6.04 -1.16 2.31
N PRO A 131 6.41 -0.28 3.25
CA PRO A 131 5.93 -0.49 4.62
C PRO A 131 4.41 -0.42 4.70
N ARG A 132 3.78 0.34 3.80
CA ARG A 132 2.33 0.50 3.81
C ARG A 132 1.62 -0.83 3.49
N ASP A 133 2.34 -1.75 2.85
CA ASP A 133 1.75 -3.03 2.49
C ASP A 133 1.58 -3.95 3.66
N ILE A 134 2.43 -3.80 4.65
CA ILE A 134 2.44 -4.67 5.81
C ILE A 134 2.11 -4.07 7.18
N LEU A 135 2.32 -2.77 7.36
CA LEU A 135 2.03 -2.15 8.65
C LEU A 135 0.99 -1.07 8.55
N ILE A 136 0.09 -1.01 9.52
CA ILE A 136 -0.91 0.05 9.54
C ILE A 136 -0.99 0.47 11.00
N VAL A 137 -1.07 1.77 11.25
CA VAL A 137 -1.16 2.27 12.61
C VAL A 137 -2.57 2.83 12.85
N VAL A 138 -3.24 2.30 13.88
CA VAL A 138 -4.55 2.77 14.25
C VAL A 138 -4.41 3.20 15.72
N GLY A 139 -4.36 4.51 15.94
CA GLY A 139 -4.21 4.98 17.30
C GLY A 139 -2.81 4.72 17.80
N ASN A 140 -2.71 4.01 18.92
CA ASN A 140 -1.43 3.70 19.56
C ASN A 140 -1.03 2.30 19.22
N GLU A 141 -1.64 1.74 18.20
CA GLU A 141 -1.38 0.36 17.87
C GLU A 141 -0.84 0.11 16.47
N ILE A 142 0.24 -0.67 16.40
CA ILE A 142 0.79 -1.03 15.12
C ILE A 142 0.37 -2.49 14.86
N ILE A 143 -0.25 -2.69 13.71
CA ILE A 143 -0.76 -3.98 13.26
C ILE A 143 0.03 -4.49 12.05
N GLU A 144 0.54 -5.71 12.13
CA GLU A 144 1.25 -6.31 11.02
C GLU A 144 0.19 -7.11 10.27
N ALA A 145 0.00 -6.78 9.00
CA ALA A 145 -0.96 -7.46 8.14
C ALA A 145 -0.44 -8.87 7.92
N PRO A 146 -1.34 -9.83 7.55
CA PRO A 146 -0.92 -11.23 7.32
C PRO A 146 -0.26 -11.46 5.96
N MET A 147 -0.67 -10.67 4.97
CA MET A 147 -0.21 -10.77 3.57
C MET A 147 -0.96 -11.90 2.89
N ALA A 148 -0.78 -12.04 1.58
CA ALA A 148 -1.47 -13.07 0.82
C ALA A 148 -0.58 -13.67 -0.24
N TRP A 149 0.62 -13.12 -0.39
CA TRP A 149 1.58 -13.60 -1.38
C TRP A 149 2.60 -14.48 -0.68
N ARG A 150 2.91 -15.62 -1.27
CA ARG A 150 3.89 -16.52 -0.66
C ARG A 150 5.27 -15.91 -0.50
N SER A 151 5.65 -15.06 -1.45
CA SER A 151 6.96 -14.41 -1.40
C SER A 151 7.03 -13.31 -0.34
N ARG A 152 5.90 -13.07 0.33
CA ARG A 152 5.88 -12.01 1.34
C ARG A 152 5.56 -12.56 2.73
N PHE A 153 5.61 -13.88 2.85
CA PHE A 153 5.32 -14.55 4.12
C PHE A 153 6.19 -14.06 5.25
N PHE A 154 7.49 -13.90 4.99
CA PHE A 154 8.42 -13.49 6.03
C PHE A 154 8.87 -12.03 5.95
N GLU A 155 8.08 -11.20 5.31
CA GLU A 155 8.43 -9.80 5.16
C GLU A 155 8.48 -9.05 6.51
N TYR A 156 7.71 -9.48 7.49
CA TYR A 156 7.69 -8.83 8.80
C TYR A 156 9.07 -8.79 9.50
N ARG A 157 9.94 -9.73 9.16
CA ARG A 157 11.25 -9.84 9.77
C ARG A 157 12.09 -8.58 9.66
N ALA A 158 11.87 -7.82 8.60
CA ALA A 158 12.62 -6.58 8.35
C ALA A 158 12.19 -5.44 9.30
N TYR A 159 10.98 -5.51 9.84
CA TYR A 159 10.46 -4.47 10.69
C TYR A 159 10.47 -4.73 12.20
N ARG A 160 10.87 -5.93 12.60
CA ARG A 160 10.86 -6.29 14.02
C ARG A 160 11.69 -5.42 14.97
N SER A 161 12.88 -5.01 14.54
CA SER A 161 13.71 -4.13 15.38
C SER A 161 12.97 -2.84 15.69
N ILE A 162 12.35 -2.25 14.66
CA ILE A 162 11.61 -1.01 14.85
C ILE A 162 10.41 -1.23 15.79
N ILE A 163 9.61 -2.25 15.51
CA ILE A 163 8.42 -2.54 16.30
C ILE A 163 8.69 -2.86 17.76
N LYS A 164 9.77 -3.59 18.04
CA LYS A 164 10.07 -3.93 19.43
C LYS A 164 10.45 -2.68 20.22
N ASP A 165 11.12 -1.75 19.54
CA ASP A 165 11.50 -0.49 20.17
C ASP A 165 10.25 0.29 20.54
N TYR A 166 9.30 0.38 19.63
CA TYR A 166 8.07 1.09 19.92
C TYR A 166 7.33 0.40 21.03
N PHE A 167 7.33 -0.93 21.00
CA PHE A 167 6.69 -1.75 22.05
C PHE A 167 7.33 -1.50 23.41
N HIS A 168 8.65 -1.54 23.47
CA HIS A 168 9.35 -1.24 24.73
C HIS A 168 8.96 0.17 25.21
N ARG A 169 8.63 1.07 24.28
CA ARG A 169 8.27 2.43 24.64
C ARG A 169 6.79 2.69 24.83
N GLY A 170 5.99 1.64 24.95
CA GLY A 170 4.57 1.81 25.18
C GLY A 170 3.52 1.57 24.10
N ALA A 171 3.93 1.29 22.88
CA ALA A 171 2.94 1.09 21.84
C ALA A 171 2.29 -0.29 21.91
N LYS A 172 1.04 -0.40 21.46
CA LYS A 172 0.35 -1.67 21.39
C LYS A 172 0.86 -2.31 20.11
N TRP A 173 1.05 -3.62 20.13
CA TRP A 173 1.58 -4.36 19.00
C TRP A 173 0.66 -5.55 18.70
N THR A 174 0.23 -5.66 17.45
CA THR A 174 -0.67 -6.71 17.03
C THR A 174 -0.26 -7.30 15.69
N THR A 175 -0.30 -8.61 15.56
CA THR A 175 0.00 -9.27 14.30
C THR A 175 -1.28 -10.03 14.02
N ALA A 176 -1.93 -9.73 12.91
CA ALA A 176 -3.16 -10.44 12.53
C ALA A 176 -2.73 -11.88 12.20
N PRO A 177 -3.67 -12.84 12.23
CA PRO A 177 -3.36 -14.25 11.95
C PRO A 177 -2.64 -14.54 10.64
N LYS A 178 -1.43 -15.07 10.75
CA LYS A 178 -0.64 -15.41 9.58
C LYS A 178 -1.30 -16.61 8.89
N PRO A 179 -1.62 -16.49 7.59
CA PRO A 179 -2.26 -17.59 6.84
C PRO A 179 -1.31 -18.75 6.59
N THR A 180 -1.85 -19.89 6.17
CA THR A 180 -1.02 -21.05 5.86
C THR A 180 -0.55 -20.83 4.43
N MET A 181 -1.37 -20.12 3.65
CA MET A 181 -1.10 -19.87 2.26
C MET A 181 -1.00 -21.18 1.49
N ALA A 182 -1.80 -22.16 1.92
CA ALA A 182 -1.86 -23.46 1.27
C ALA A 182 -2.63 -23.22 -0.03
N ASP A 183 -2.56 -24.19 -0.95
CA ASP A 183 -3.25 -24.08 -2.23
C ASP A 183 -4.70 -23.66 -2.14
N GLU A 184 -5.37 -24.08 -1.07
CA GLU A 184 -6.77 -23.75 -0.89
C GLU A 184 -7.06 -22.26 -0.81
N LEU A 185 -6.03 -21.45 -0.56
CA LEU A 185 -6.26 -20.02 -0.47
C LEU A 185 -6.35 -19.37 -1.84
N TYR A 186 -5.84 -20.05 -2.87
CA TYR A 186 -5.81 -19.53 -4.21
C TYR A 186 -6.74 -20.22 -5.20
N ASN A 187 -7.35 -19.41 -6.04
CA ASN A 187 -8.26 -19.83 -7.09
C ASN A 187 -7.31 -20.22 -8.22
N GLN A 188 -6.81 -21.44 -8.15
CA GLN A 188 -5.84 -21.93 -9.13
C GLN A 188 -6.31 -21.85 -10.57
N ASP A 189 -7.62 -21.72 -10.77
CA ASP A 189 -8.17 -21.64 -12.12
C ASP A 189 -8.76 -20.25 -12.44
N TYR A 190 -8.21 -19.22 -11.79
CA TYR A 190 -8.66 -17.86 -12.03
C TYR A 190 -8.24 -17.55 -13.47
N PRO A 191 -9.09 -16.81 -14.23
CA PRO A 191 -8.81 -16.43 -15.62
C PRO A 191 -7.81 -15.27 -15.76
N ILE A 192 -6.70 -15.37 -15.05
CA ILE A 192 -5.66 -14.35 -15.04
C ILE A 192 -5.16 -14.09 -16.42
N HIS A 193 -5.11 -15.15 -17.23
CA HIS A 193 -4.60 -15.13 -18.61
C HIS A 193 -5.27 -14.13 -19.55
N SER A 194 -5.87 -13.10 -18.97
CA SER A 194 -6.57 -12.04 -19.69
C SER A 194 -7.91 -12.62 -20.06
N VAL A 195 -8.94 -11.80 -19.93
CA VAL A 195 -10.28 -12.21 -20.21
C VAL A 195 -11.19 -11.05 -19.86
N GLU A 196 -10.75 -10.24 -18.91
CA GLU A 196 -11.49 -9.07 -18.46
C GLU A 196 -12.80 -9.31 -17.74
N ASP A 197 -13.36 -10.53 -17.84
CA ASP A 197 -14.56 -10.85 -17.08
C ASP A 197 -14.14 -10.91 -15.60
N ARG A 198 -12.88 -10.54 -15.35
CA ARG A 198 -12.30 -10.43 -14.02
C ARG A 198 -13.26 -9.46 -13.39
N HIS A 199 -13.68 -8.48 -14.20
CA HIS A 199 -14.65 -7.47 -13.81
C HIS A 199 -15.92 -8.13 -13.25
N LYS A 200 -16.38 -9.18 -13.91
CA LYS A 200 -17.59 -9.93 -13.53
C LYS A 200 -17.45 -10.64 -12.17
N LEU A 201 -16.36 -11.38 -12.01
CA LEU A 201 -16.08 -12.06 -10.75
C LEU A 201 -15.87 -10.97 -9.73
N ALA A 202 -15.12 -9.96 -10.14
CA ALA A 202 -14.81 -8.80 -9.33
C ALA A 202 -16.10 -8.14 -8.91
N ALA A 203 -17.10 -8.18 -9.80
CA ALA A 203 -18.43 -7.61 -9.54
C ALA A 203 -19.13 -8.45 -8.47
N GLN A 204 -18.69 -9.69 -8.35
CA GLN A 204 -19.21 -10.64 -7.37
C GLN A 204 -18.30 -10.74 -6.13
N GLY A 205 -17.29 -9.88 -6.05
CA GLY A 205 -16.36 -9.93 -4.93
C GLY A 205 -15.52 -11.19 -5.01
N LYS A 206 -15.44 -11.76 -6.21
CA LYS A 206 -14.69 -12.99 -6.47
C LYS A 206 -13.34 -12.78 -7.17
N PHE A 207 -12.26 -13.07 -6.45
CA PHE A 207 -10.90 -12.87 -6.95
C PHE A 207 -9.95 -14.08 -6.97
N VAL A 208 -8.63 -13.86 -7.02
CA VAL A 208 -7.66 -14.96 -7.05
C VAL A 208 -7.53 -15.61 -5.68
N THR A 209 -7.84 -14.87 -4.61
CA THR A 209 -7.80 -15.43 -3.26
C THR A 209 -9.21 -15.82 -2.84
N THR A 210 -9.32 -17.01 -2.27
CA THR A 210 -10.59 -17.55 -1.80
C THR A 210 -10.85 -17.04 -0.39
N GLU A 211 -11.86 -17.60 0.26
CA GLU A 211 -12.20 -17.24 1.63
C GLU A 211 -11.79 -18.37 2.55
N PHE A 212 -10.79 -19.13 2.12
CA PHE A 212 -10.28 -20.25 2.89
C PHE A 212 -9.77 -19.88 4.29
N GLU A 213 -9.12 -18.73 4.41
CA GLU A 213 -8.59 -18.25 5.71
C GLU A 213 -8.37 -16.75 5.55
N PRO A 214 -8.30 -16.01 6.67
CA PRO A 214 -8.10 -14.55 6.60
C PRO A 214 -6.75 -14.18 5.95
N CYS A 215 -6.78 -13.18 5.09
CA CYS A 215 -5.58 -12.69 4.46
C CYS A 215 -5.87 -11.27 4.03
N PHE A 216 -4.83 -10.42 4.01
CA PHE A 216 -4.95 -9.03 3.60
C PHE A 216 -3.63 -8.30 3.65
N ASP A 217 -3.57 -7.19 2.91
CA ASP A 217 -2.41 -6.31 2.88
C ASP A 217 -2.93 -5.08 3.59
N ALA A 218 -2.12 -4.46 4.44
CA ALA A 218 -2.62 -3.30 5.17
C ALA A 218 -3.03 -2.18 4.22
N ALA A 219 -2.41 -2.14 3.04
CA ALA A 219 -2.67 -1.07 2.08
C ALA A 219 -4.05 -1.04 1.45
N ASP A 220 -4.89 -2.00 1.77
CA ASP A 220 -6.25 -2.02 1.24
C ASP A 220 -7.14 -1.31 2.20
N PHE A 221 -6.54 -0.78 3.27
CA PHE A 221 -7.26 -0.02 4.30
C PHE A 221 -6.70 1.41 4.26
N ILE A 222 -7.59 2.42 4.37
CA ILE A 222 -7.16 3.81 4.39
C ILE A 222 -7.91 4.49 5.53
N ARG A 223 -7.19 5.17 6.41
CA ARG A 223 -7.77 5.76 7.60
C ARG A 223 -8.33 7.16 7.56
N ALA A 224 -9.41 7.37 8.29
CA ALA A 224 -10.06 8.65 8.42
C ALA A 224 -10.64 8.79 9.84
N GLY A 225 -9.79 8.66 10.85
CA GLY A 225 -10.24 8.77 12.23
C GLY A 225 -11.03 7.53 12.63
N ARG A 226 -12.27 7.73 13.06
CA ARG A 226 -13.12 6.62 13.48
C ARG A 226 -13.61 5.75 12.34
N ASP A 227 -13.39 6.18 11.10
CA ASP A 227 -13.84 5.39 9.97
C ASP A 227 -12.67 4.99 9.11
N ILE A 228 -12.58 3.69 8.86
CA ILE A 228 -11.53 3.10 8.06
C ILE A 228 -12.27 2.45 6.91
N PHE A 229 -11.75 2.60 5.71
CA PHE A 229 -12.40 2.06 4.54
C PHE A 229 -11.51 0.99 3.98
N ALA A 230 -12.11 -0.12 3.57
CA ALA A 230 -11.34 -1.22 3.07
C ALA A 230 -11.93 -1.65 1.75
N GLN A 231 -11.14 -2.37 0.98
CA GLN A 231 -11.57 -2.85 -0.31
C GLN A 231 -11.24 -4.35 -0.40
N ARG A 232 -12.20 -5.17 -0.83
CA ARG A 232 -11.94 -6.59 -1.01
C ARG A 232 -11.16 -6.58 -2.33
N SER A 233 -9.94 -7.11 -2.32
CA SER A 233 -9.11 -7.10 -3.50
C SER A 233 -8.49 -8.46 -3.78
N GLN A 234 -7.55 -8.53 -4.70
CA GLN A 234 -6.90 -9.79 -5.02
C GLN A 234 -6.18 -10.37 -3.80
N VAL A 235 -5.70 -9.51 -2.90
CA VAL A 235 -4.96 -9.98 -1.71
C VAL A 235 -5.66 -9.76 -0.37
N THR A 236 -6.84 -9.14 -0.37
CA THR A 236 -7.57 -8.88 0.86
C THR A 236 -8.98 -9.45 0.69
N ASN A 237 -9.29 -10.53 1.42
CA ASN A 237 -10.61 -11.16 1.32
C ASN A 237 -11.57 -10.67 2.40
N TYR A 238 -12.83 -11.10 2.34
CA TYR A 238 -13.80 -10.65 3.32
C TYR A 238 -13.50 -11.14 4.72
N LEU A 239 -12.87 -12.30 4.80
CA LEU A 239 -12.49 -12.85 6.09
C LEU A 239 -11.49 -11.91 6.72
N GLY A 240 -10.49 -11.48 5.96
CA GLY A 240 -9.48 -10.55 6.45
C GLY A 240 -10.09 -9.24 6.92
N ILE A 241 -11.01 -8.70 6.12
CA ILE A 241 -11.68 -7.46 6.49
C ILE A 241 -12.50 -7.62 7.77
N GLU A 242 -13.18 -8.76 7.91
CA GLU A 242 -14.00 -9.03 9.09
C GLU A 242 -13.11 -9.17 10.31
N TRP A 243 -11.91 -9.71 10.13
CA TRP A 243 -10.98 -9.83 11.24
C TRP A 243 -10.64 -8.41 11.75
N MET A 244 -10.37 -7.49 10.82
CA MET A 244 -10.07 -6.10 11.18
C MET A 244 -11.26 -5.44 11.85
N ARG A 245 -12.42 -5.54 11.21
CA ARG A 245 -13.64 -4.97 11.75
C ARG A 245 -13.89 -5.44 13.19
N ARG A 246 -13.77 -6.75 13.41
CA ARG A 246 -14.02 -7.35 14.72
C ARG A 246 -12.95 -6.98 15.73
N HIS A 247 -11.70 -6.90 15.27
CA HIS A 247 -10.61 -6.55 16.14
C HIS A 247 -10.61 -5.10 16.61
N LEU A 248 -11.10 -4.18 15.78
CA LEU A 248 -11.10 -2.74 16.10
C LEU A 248 -12.37 -2.19 16.73
N ALA A 249 -13.48 -2.88 16.52
CA ALA A 249 -14.75 -2.45 17.10
C ALA A 249 -14.61 -2.47 18.63
N PRO A 250 -15.37 -1.63 19.33
CA PRO A 250 -16.35 -0.65 18.85
C PRO A 250 -15.80 0.75 18.51
N ASP A 251 -14.54 1.01 18.82
CA ASP A 251 -13.95 2.33 18.57
C ASP A 251 -13.83 2.76 17.11
N TYR A 252 -13.57 1.80 16.22
CA TYR A 252 -13.41 2.10 14.82
C TYR A 252 -14.41 1.35 14.01
N ARG A 253 -14.90 1.97 12.95
CA ARG A 253 -15.84 1.33 12.06
C ARG A 253 -15.08 1.12 10.78
N VAL A 254 -15.00 -0.13 10.32
CA VAL A 254 -14.32 -0.48 9.07
C VAL A 254 -15.42 -0.66 8.02
N HIS A 255 -15.43 0.14 6.97
CA HIS A 255 -16.45 0.05 5.91
C HIS A 255 -15.84 -0.53 4.67
N ILE A 256 -16.61 -1.29 3.92
CA ILE A 256 -16.11 -1.89 2.70
C ILE A 256 -16.63 -1.09 1.55
N ILE A 257 -15.75 -0.71 0.63
CA ILE A 257 -16.16 0.05 -0.53
C ILE A 257 -15.55 -0.63 -1.74
N SER A 258 -16.14 -0.42 -2.92
CA SER A 258 -15.63 -1.04 -4.14
C SER A 258 -15.53 -0.03 -5.28
N PHE A 259 -14.79 -0.39 -6.32
CA PHE A 259 -14.57 0.50 -7.45
C PHE A 259 -14.60 -0.32 -8.72
N LYS A 260 -14.64 0.35 -9.87
CA LYS A 260 -14.58 -0.36 -11.13
C LYS A 260 -13.09 -0.63 -11.35
N ASP A 261 -12.64 -1.83 -11.01
CA ASP A 261 -11.22 -2.21 -11.11
C ASP A 261 -11.08 -3.74 -11.24
N PRO A 262 -10.54 -4.25 -12.39
CA PRO A 262 -10.35 -5.69 -12.65
C PRO A 262 -9.13 -6.33 -11.94
N ASN A 263 -8.19 -5.50 -11.49
CA ASN A 263 -7.01 -5.99 -10.77
C ASN A 263 -6.69 -5.17 -9.51
N PRO A 264 -7.59 -5.19 -8.54
CA PRO A 264 -7.29 -4.40 -7.34
C PRO A 264 -6.25 -5.06 -6.42
N MET A 265 -5.38 -4.23 -5.89
CA MET A 265 -4.37 -4.65 -4.95
C MET A 265 -3.95 -3.32 -4.34
N HIS A 266 -4.54 -3.02 -3.19
CA HIS A 266 -4.27 -1.79 -2.44
C HIS A 266 -5.21 -0.71 -2.91
N ILE A 267 -5.58 0.18 -1.99
CA ILE A 267 -6.54 1.22 -2.24
C ILE A 267 -5.97 2.64 -2.44
N ASP A 268 -4.73 2.87 -1.98
CA ASP A 268 -4.12 4.19 -2.02
C ASP A 268 -3.76 4.81 -3.37
N ALA A 269 -4.03 4.11 -4.46
CA ALA A 269 -3.81 4.67 -5.80
C ALA A 269 -5.19 4.64 -6.50
N THR A 270 -6.23 4.56 -5.69
CA THR A 270 -7.59 4.49 -6.19
C THR A 270 -8.48 5.47 -5.46
N PHE A 271 -8.33 5.52 -4.14
CA PHE A 271 -9.15 6.40 -3.32
C PHE A 271 -8.18 6.81 -2.22
N ASN A 272 -7.46 7.90 -2.42
CA ASN A 272 -6.50 8.37 -1.44
C ASN A 272 -7.07 9.57 -0.69
N ILE A 273 -7.32 9.41 0.61
CA ILE A 273 -7.89 10.46 1.43
C ILE A 273 -6.78 11.42 1.85
N ILE A 274 -6.90 12.69 1.46
CA ILE A 274 -5.86 13.69 1.72
C ILE A 274 -6.14 14.78 2.75
N GLY A 275 -7.32 14.76 3.33
CA GLY A 275 -7.63 15.75 4.35
C GLY A 275 -8.98 15.41 4.89
N PRO A 276 -9.44 16.12 5.92
CA PRO A 276 -10.75 15.86 6.52
C PRO A 276 -11.82 16.11 5.50
N GLY A 277 -12.45 15.06 4.99
CA GLY A 277 -13.50 15.28 4.01
C GLY A 277 -13.03 15.56 2.59
N ILE A 278 -11.77 15.28 2.26
CA ILE A 278 -11.29 15.52 0.91
C ILE A 278 -10.65 14.24 0.47
N VAL A 279 -10.98 13.80 -0.74
CA VAL A 279 -10.43 12.56 -1.23
C VAL A 279 -10.14 12.64 -2.73
N LEU A 280 -9.07 11.97 -3.13
CA LEU A 280 -8.65 11.87 -4.53
C LEU A 280 -9.23 10.56 -5.04
N SER A 281 -10.05 10.63 -6.07
CA SER A 281 -10.66 9.45 -6.64
C SER A 281 -10.13 9.26 -8.05
N ASN A 282 -9.51 8.12 -8.27
CA ASN A 282 -8.94 7.78 -9.56
C ASN A 282 -10.07 7.71 -10.60
N PRO A 283 -10.02 8.57 -11.62
CA PRO A 283 -11.02 8.64 -12.69
C PRO A 283 -11.29 7.33 -13.42
N ASP A 284 -10.29 6.46 -13.45
CA ASP A 284 -10.44 5.17 -14.10
C ASP A 284 -11.11 4.14 -13.20
N ARG A 285 -11.13 4.39 -11.90
CA ARG A 285 -11.68 3.46 -10.94
C ARG A 285 -12.72 4.11 -10.05
N PRO A 286 -13.90 4.39 -10.60
CA PRO A 286 -14.99 5.01 -9.85
C PRO A 286 -15.51 4.15 -8.70
N CYS A 287 -15.88 4.79 -7.60
CA CYS A 287 -16.37 4.10 -6.44
C CYS A 287 -17.86 3.88 -6.52
N HIS A 288 -18.26 2.63 -6.31
CA HIS A 288 -19.67 2.28 -6.34
C HIS A 288 -20.45 2.97 -5.25
N GLN A 289 -19.78 3.31 -4.14
CA GLN A 289 -20.47 3.96 -3.03
C GLN A 289 -20.11 5.43 -2.91
N ILE A 290 -19.84 6.09 -4.04
CA ILE A 290 -19.49 7.50 -3.99
C ILE A 290 -20.57 8.39 -3.35
N ASP A 291 -21.82 7.98 -3.48
CA ASP A 291 -22.93 8.74 -2.91
C ASP A 291 -22.89 8.87 -1.40
N LEU A 292 -22.31 7.87 -0.73
CA LEU A 292 -22.18 7.88 0.72
C LEU A 292 -21.33 9.09 1.09
N PHE A 293 -20.30 9.35 0.28
CA PHE A 293 -19.38 10.45 0.53
C PHE A 293 -19.96 11.78 0.09
N LYS A 294 -20.69 11.79 -1.03
CA LYS A 294 -21.32 13.02 -1.48
C LYS A 294 -22.34 13.47 -0.46
N LYS A 295 -23.13 12.54 0.06
CA LYS A 295 -24.11 12.88 1.07
C LYS A 295 -23.46 13.38 2.36
N ALA A 296 -22.22 12.97 2.60
CA ALA A 296 -21.45 13.35 3.79
C ALA A 296 -20.82 14.75 3.67
N GLY A 297 -20.96 15.35 2.48
CA GLY A 297 -20.40 16.67 2.25
C GLY A 297 -18.90 16.63 2.00
N TRP A 298 -18.43 15.48 1.51
CA TRP A 298 -17.01 15.31 1.23
C TRP A 298 -16.75 15.86 -0.16
N THR A 299 -15.55 16.40 -0.35
CA THR A 299 -15.13 16.93 -1.64
C THR A 299 -14.39 15.83 -2.40
N ILE A 300 -14.92 15.43 -3.55
CA ILE A 300 -14.24 14.42 -4.36
C ILE A 300 -13.49 15.11 -5.50
N ILE A 301 -12.16 14.96 -5.49
CA ILE A 301 -11.27 15.56 -6.48
C ILE A 301 -10.77 14.48 -7.43
N THR A 302 -10.87 14.69 -8.75
CA THR A 302 -10.35 13.69 -9.67
C THR A 302 -9.07 14.22 -10.29
N PRO A 303 -7.92 13.62 -9.95
CA PRO A 303 -6.64 14.06 -10.47
C PRO A 303 -6.50 13.90 -11.99
N PRO A 304 -5.57 14.66 -12.59
CA PRO A 304 -5.36 14.58 -14.04
C PRO A 304 -4.57 13.30 -14.28
N THR A 305 -4.48 12.87 -15.52
CA THR A 305 -3.76 11.63 -15.83
C THR A 305 -2.25 11.72 -15.63
N PRO A 306 -1.61 10.58 -15.34
CA PRO A 306 -0.16 10.59 -15.13
C PRO A 306 0.54 10.86 -16.44
N ILE A 307 1.73 11.42 -16.36
CA ILE A 307 2.46 11.69 -17.56
C ILE A 307 3.64 10.72 -17.73
N ILE A 308 3.80 9.80 -16.79
CA ILE A 308 4.90 8.83 -16.84
C ILE A 308 4.91 8.10 -18.20
N PRO A 309 6.08 8.02 -18.84
CA PRO A 309 6.30 7.39 -20.14
C PRO A 309 5.90 5.94 -20.08
N ASP A 310 5.36 5.45 -21.18
CA ASP A 310 4.97 4.05 -21.27
C ASP A 310 6.16 3.12 -21.41
N ASP A 311 7.33 3.67 -21.69
CA ASP A 311 8.52 2.84 -21.82
C ASP A 311 9.22 2.59 -20.47
N HIS A 312 8.83 3.33 -19.44
CA HIS A 312 9.44 3.13 -18.13
C HIS A 312 8.80 1.91 -17.46
N PRO A 313 9.62 0.93 -17.03
CA PRO A 313 9.11 -0.28 -16.39
C PRO A 313 8.45 -0.09 -15.03
N LEU A 314 7.18 -0.46 -15.00
CA LEU A 314 6.36 -0.44 -13.80
C LEU A 314 6.02 -1.93 -13.61
N TRP A 315 6.94 -2.67 -13.00
CA TRP A 315 6.79 -4.11 -12.79
C TRP A 315 5.66 -4.56 -11.88
N MET A 316 5.36 -3.75 -10.86
CA MET A 316 4.35 -4.12 -9.88
C MET A 316 3.07 -3.28 -9.81
N SER A 317 2.88 -2.28 -10.67
CA SER A 317 1.68 -1.44 -10.58
C SER A 317 1.24 -0.80 -11.87
N SER A 318 0.30 0.13 -11.75
CA SER A 318 -0.21 0.89 -12.87
C SER A 318 0.50 2.23 -12.83
N LYS A 319 0.19 3.07 -13.81
CA LYS A 319 0.76 4.41 -13.94
C LYS A 319 0.23 5.34 -12.86
N TRP A 320 -0.88 4.96 -12.23
CA TRP A 320 -1.51 5.78 -11.21
C TRP A 320 -0.80 6.07 -9.92
N LEU A 321 0.48 5.73 -9.86
CA LEU A 321 1.28 5.99 -8.67
C LEU A 321 1.34 7.49 -8.42
N SER A 322 1.03 8.30 -9.43
CA SER A 322 1.03 9.76 -9.30
C SER A 322 0.12 10.32 -8.21
N MET A 323 -1.00 9.66 -7.96
CA MET A 323 -1.93 10.12 -6.93
C MET A 323 -1.68 9.44 -5.59
N ASN A 324 -0.63 8.65 -5.56
CA ASN A 324 -0.22 7.93 -4.37
C ASN A 324 0.62 8.90 -3.52
N VAL A 325 0.08 10.08 -3.29
CA VAL A 325 0.77 11.12 -2.56
C VAL A 325 0.79 10.89 -1.04
N LEU A 326 1.74 11.51 -0.36
CA LEU A 326 1.85 11.40 1.08
C LEU A 326 1.64 12.81 1.62
N MET A 327 0.75 13.00 2.58
CA MET A 327 0.52 14.33 3.15
C MET A 327 1.37 14.54 4.39
N LEU A 328 2.20 15.59 4.39
CA LEU A 328 3.02 15.90 5.55
C LEU A 328 2.10 16.57 6.55
N ASP A 329 1.04 17.20 6.03
CA ASP A 329 0.00 17.82 6.82
C ASP A 329 -1.10 18.21 5.87
N GLU A 330 -2.12 18.90 6.35
CA GLU A 330 -3.23 19.26 5.47
C GLU A 330 -2.85 20.08 4.28
N LYS A 331 -1.89 20.98 4.48
CA LYS A 331 -1.45 21.85 3.40
C LYS A 331 -0.12 21.51 2.74
N ARG A 332 0.55 20.43 3.13
CA ARG A 332 1.82 20.06 2.52
C ARG A 332 1.70 18.65 2.01
N VAL A 333 2.00 18.45 0.74
CA VAL A 333 1.94 17.14 0.12
C VAL A 333 3.29 16.81 -0.53
N MET A 334 3.74 15.56 -0.43
CA MET A 334 4.97 15.13 -1.07
C MET A 334 4.45 14.53 -2.37
N VAL A 335 4.82 15.11 -3.50
CA VAL A 335 4.32 14.67 -4.79
C VAL A 335 5.48 14.43 -5.73
N ASP A 336 5.27 13.62 -6.76
CA ASP A 336 6.35 13.32 -7.69
C ASP A 336 6.78 14.54 -8.52
N ALA A 337 8.09 14.79 -8.54
CA ALA A 337 8.70 15.90 -9.27
C ALA A 337 8.33 15.96 -10.75
N ASN A 338 8.18 14.78 -11.35
CA ASN A 338 7.86 14.67 -12.78
C ASN A 338 6.40 14.86 -13.13
N GLU A 339 5.50 14.68 -12.17
CA GLU A 339 4.07 14.78 -12.46
C GLU A 339 3.53 16.18 -12.31
N VAL A 340 3.89 17.04 -13.24
CA VAL A 340 3.49 18.44 -13.18
C VAL A 340 2.00 18.74 -13.10
N PRO A 341 1.19 18.08 -13.95
CA PRO A 341 -0.25 18.33 -13.95
C PRO A 341 -0.88 18.18 -12.56
N ILE A 342 -0.56 17.11 -11.85
CA ILE A 342 -1.13 16.91 -10.52
C ILE A 342 -0.54 17.90 -9.50
N GLN A 343 0.68 18.38 -9.76
CA GLN A 343 1.31 19.38 -8.89
C GLN A 343 0.47 20.66 -8.97
N LYS A 344 0.14 21.04 -10.19
CA LYS A 344 -0.64 22.24 -10.43
C LYS A 344 -1.96 22.19 -9.72
N MET A 345 -2.57 21.01 -9.75
CA MET A 345 -3.85 20.77 -9.09
C MET A 345 -3.79 21.06 -7.59
N PHE A 346 -2.76 20.54 -6.93
CA PHE A 346 -2.63 20.78 -5.50
C PHE A 346 -2.39 22.25 -5.27
N GLU A 347 -1.56 22.85 -6.10
CA GLU A 347 -1.26 24.26 -5.98
C GLU A 347 -2.49 25.17 -6.09
N LYS A 348 -3.40 24.85 -7.00
CA LYS A 348 -4.62 25.66 -7.11
C LYS A 348 -5.53 25.48 -5.89
N LEU A 349 -5.32 24.40 -5.14
CA LEU A 349 -6.08 24.12 -3.93
C LEU A 349 -5.42 24.70 -2.69
N GLY A 350 -4.26 25.33 -2.87
CA GLY A 350 -3.56 25.93 -1.74
C GLY A 350 -2.69 24.98 -0.96
N ILE A 351 -2.31 23.87 -1.59
CA ILE A 351 -1.49 22.87 -0.95
C ILE A 351 -0.07 22.96 -1.48
N THR A 352 0.85 23.21 -0.58
CA THR A 352 2.26 23.33 -0.89
C THR A 352 2.80 21.98 -1.36
N THR A 353 3.40 21.96 -2.54
CA THR A 353 3.94 20.74 -3.08
C THR A 353 5.43 20.56 -2.81
N ILE A 354 5.80 19.43 -2.26
CA ILE A 354 7.19 19.11 -1.96
C ILE A 354 7.50 18.05 -2.98
N LYS A 355 8.15 18.46 -4.04
CA LYS A 355 8.46 17.57 -5.15
C LYS A 355 9.70 16.74 -4.97
N VAL A 356 9.55 15.42 -5.09
CA VAL A 356 10.67 14.51 -4.97
C VAL A 356 10.62 13.58 -6.15
N ASN A 357 11.77 13.22 -6.71
CA ASN A 357 11.75 12.32 -7.85
C ASN A 357 11.95 10.88 -7.40
N ILE A 358 11.00 10.00 -7.72
CA ILE A 358 11.14 8.60 -7.35
C ILE A 358 10.74 7.71 -8.51
N ARG A 359 11.03 8.20 -9.70
CA ARG A 359 10.73 7.52 -10.94
C ARG A 359 11.22 6.07 -10.94
N ASN A 360 12.42 5.82 -10.45
CA ASN A 360 12.92 4.44 -10.44
C ASN A 360 12.38 3.57 -9.32
N ALA A 361 12.11 4.19 -8.17
CA ALA A 361 11.56 3.51 -7.02
C ALA A 361 10.13 3.07 -7.40
N ASN A 362 9.50 3.83 -8.30
CA ASN A 362 8.15 3.54 -8.80
C ASN A 362 8.11 2.16 -9.46
N SER A 363 9.22 1.73 -10.04
CA SER A 363 9.24 0.44 -10.73
C SER A 363 8.97 -0.73 -9.76
N LEU A 364 9.35 -0.55 -8.51
CA LEU A 364 9.17 -1.57 -7.48
C LEU A 364 7.70 -1.68 -7.07
N GLY A 365 6.88 -0.73 -7.52
CA GLY A 365 5.46 -0.80 -7.22
C GLY A 365 4.80 0.25 -6.37
N GLY A 366 5.50 1.29 -5.94
CA GLY A 366 4.85 2.27 -5.11
C GLY A 366 5.29 3.72 -5.18
N GLY A 367 4.40 4.60 -4.72
CA GLY A 367 4.65 6.02 -4.68
C GLY A 367 5.04 6.38 -3.26
N PHE A 368 4.72 7.58 -2.84
CA PHE A 368 5.11 8.01 -1.51
C PHE A 368 4.33 7.36 -0.39
N HIS A 369 3.03 7.18 -0.60
CA HIS A 369 2.18 6.56 0.41
C HIS A 369 2.57 5.09 0.64
N CYS A 370 2.94 4.40 -0.42
CA CYS A 370 3.32 2.99 -0.35
C CYS A 370 4.71 2.81 0.26
N TRP A 371 5.61 3.73 -0.03
CA TRP A 371 6.99 3.65 0.47
C TRP A 371 7.11 4.04 1.94
N THR A 372 6.03 4.47 2.57
CA THR A 372 6.07 4.91 3.95
C THR A 372 4.97 4.29 4.81
N CYS A 373 5.10 4.53 6.11
CA CYS A 373 4.12 4.13 7.08
C CYS A 373 4.23 5.20 8.17
N ASP A 374 3.21 6.03 8.28
CA ASP A 374 3.20 7.07 9.26
C ASP A 374 2.99 6.47 10.65
N VAL A 375 3.98 6.63 11.50
CA VAL A 375 3.96 6.12 12.87
C VAL A 375 3.32 7.10 13.85
N ARG A 376 3.61 8.39 13.69
CA ARG A 376 3.06 9.40 14.57
C ARG A 376 2.71 10.67 13.83
N ARG A 377 1.47 11.12 14.01
CA ARG A 377 0.93 12.35 13.43
C ARG A 377 0.32 13.10 14.61
N ARG A 378 0.57 14.40 14.69
CA ARG A 378 0.04 15.17 15.78
C ARG A 378 -1.45 15.44 15.64
N GLY A 379 -2.27 14.79 16.47
CA GLY A 379 -3.72 14.96 16.43
C GLY A 379 -4.55 14.02 17.30
N THR A 380 -5.87 14.16 17.21
CA THR A 380 -6.81 13.34 17.99
C THR A 380 -7.77 12.50 17.13
N LEU A 381 -8.40 11.51 17.75
CA LEU A 381 -9.33 10.66 17.05
C LEU A 381 -10.59 11.46 16.81
N GLN A 382 -11.06 11.50 15.57
CA GLN A 382 -12.26 12.26 15.27
C GLN A 382 -13.08 11.55 14.22
N SER A 383 -14.28 12.06 13.99
CA SER A 383 -15.17 11.54 12.98
C SER A 383 -15.29 12.64 11.92
N TYR A 384 -15.24 12.24 10.65
CA TYR A 384 -15.33 13.15 9.51
C TYR A 384 -16.46 12.71 8.59
N LEU A 385 -17.21 11.71 9.01
CA LEU A 385 -18.30 11.21 8.22
C LEU A 385 -19.57 11.67 8.89
N ASP A 386 -19.44 12.65 9.78
CA ASP A 386 -20.51 13.26 10.57
C ASP A 386 -20.64 12.56 11.91
N ABA B . -1.86 -1.74 -7.29
CA ABA B . -2.41 -0.37 -7.43
C ABA B . -2.19 0.18 -8.85
O ABA B . -1.65 -0.56 -9.69
CB ABA B . -1.90 0.59 -6.32
CG ABA B . -0.43 0.50 -5.98
OXT ABA B . -2.59 1.33 -9.10
H2 ABA B . -2.08 -2.16 -6.36
H ABA B . -2.22 -2.31 -8.08
HN3 ABA B . -0.84 -1.63 -7.41
#